data_1FUU
#
_entry.id   1FUU
#
_cell.length_a   38.800
_cell.length_b   71.200
_cell.length_c   73.200
_cell.angle_alpha   94.00
_cell.angle_beta   89.60
_cell.angle_gamma   101.00
#
_symmetry.space_group_name_H-M   'P 1'
#
loop_
_entity.id
_entity.type
_entity.pdbx_description
1 polymer 'YEAST INITIATION FACTOR 4A'
2 water water
#
_entity_poly.entity_id   1
_entity_poly.type   'polypeptide(L)'
_entity_poly.pdbx_seq_one_letter_code
;SEGITDIEESQIQTNYDKVVYKFDD(MSE)ELDENLLRGVFGYGFEEPSAIQQRAI(MSE)PIIEGHDVLAQAQSGTGKT
GTFSIAALQRIDTSVKAPQAL(MSE)LAPTRELALQIQKVV(MSE)ALAFH(MSE)DIKVHACIGGTSFVEDAEGLRDAQ
IVVGTPGRVFDNIQRRRFRTDKIK(MSE)FILDEADE(MSE)LSSGFKEQIYQIFTLLPPTTQVVLLSAT(MSE)PNDVL
EVTTKF(MSE)RNPVRILVKKDELTLEGIKQFYVNVEEEEYKYECLTDLYDSISVTQAVIFCNTRRKVEELTTKLRNDKF
TVSAIYSDLPQQERDTI(MSE)KEFRSGSSRILISTDLLARGIDVQQVSLVINYDLPANKENYIHRIGRGGRFGRKGVAI
NFVTNEDVGA(MSE)RELEKFYSTQIEELPSDIATLLN
;
_entity_poly.pdbx_strand_id   A,B
#
# COMPACT_ATOMS: atom_id res chain seq x y z
N GLN A 11 -12.50 22.22 -34.11
CA GLN A 11 -11.03 22.44 -34.04
C GLN A 11 -10.22 21.28 -34.63
N ILE A 12 -10.41 20.08 -34.10
CA ILE A 12 -9.71 18.89 -34.57
C ILE A 12 -10.53 18.09 -35.57
N GLN A 13 -9.82 17.44 -36.49
CA GLN A 13 -10.43 16.59 -37.51
C GLN A 13 -9.72 15.25 -37.32
N THR A 14 -10.46 14.21 -36.97
CA THR A 14 -9.82 12.91 -36.78
C THR A 14 -10.64 11.75 -37.32
N ASN A 15 -9.97 10.63 -37.56
CA ASN A 15 -10.62 9.43 -38.05
C ASN A 15 -10.63 8.36 -36.96
N TYR A 16 -10.30 8.78 -35.74
CA TYR A 16 -10.29 7.85 -34.62
C TYR A 16 -11.42 8.16 -33.64
N ASP A 17 -11.77 9.44 -33.49
CA ASP A 17 -12.85 9.88 -32.58
C ASP A 17 -13.19 8.87 -31.52
N LYS A 18 -12.54 9.06 -30.39
CA LYS A 18 -12.65 8.26 -29.18
C LYS A 18 -11.80 9.16 -28.31
N VAL A 19 -12.42 9.82 -27.36
CA VAL A 19 -11.73 10.76 -26.51
C VAL A 19 -11.75 10.31 -25.05
N VAL A 20 -10.72 10.73 -24.31
CA VAL A 20 -10.61 10.39 -22.92
C VAL A 20 -10.30 11.72 -22.23
N TYR A 21 -11.05 12.01 -21.17
CA TYR A 21 -10.88 13.29 -20.50
C TYR A 21 -10.04 13.35 -19.23
N LYS A 22 -9.71 12.20 -18.65
CA LYS A 22 -8.91 12.19 -17.43
C LYS A 22 -7.84 11.13 -17.60
N PHE A 23 -6.73 11.26 -16.89
CA PHE A 23 -5.69 10.26 -17.03
C PHE A 23 -6.09 8.96 -16.30
N ASP A 24 -7.01 9.06 -15.36
CA ASP A 24 -7.47 7.90 -14.61
C ASP A 24 -8.14 6.90 -15.56
N ASP A 25 -8.80 7.44 -16.58
CA ASP A 25 -9.53 6.64 -17.54
C ASP A 25 -8.70 6.05 -18.65
N MSE A 26 -7.37 6.22 -18.57
CA MSE A 26 -6.51 5.71 -19.63
C MSE A 26 -5.85 4.38 -19.39
O MSE A 26 -5.17 3.86 -20.26
CB MSE A 26 -5.45 6.76 -19.97
CG MSE A 26 -6.01 7.95 -20.72
SE MSE A 26 -4.63 9.20 -21.16
CE MSE A 26 -5.58 10.84 -21.15
N GLU A 27 -6.07 3.79 -18.22
CA GLU A 27 -5.48 2.50 -17.91
C GLU A 27 -3.97 2.48 -17.93
N LEU A 28 -3.37 3.49 -17.30
CA LEU A 28 -1.93 3.58 -17.21
C LEU A 28 -1.44 2.80 -16.01
N ASP A 29 -0.26 2.21 -16.12
CA ASP A 29 0.35 1.49 -15.02
C ASP A 29 0.36 2.50 -13.87
N GLU A 30 0.07 2.05 -12.64
CA GLU A 30 0.01 2.95 -11.49
C GLU A 30 1.22 3.88 -11.30
N ASN A 31 2.42 3.34 -11.45
CA ASN A 31 3.61 4.16 -11.31
C ASN A 31 3.69 5.26 -12.37
N LEU A 32 3.38 4.92 -13.61
CA LEU A 32 3.38 5.94 -14.66
C LEU A 32 2.37 7.05 -14.31
N LEU A 33 1.17 6.66 -13.88
CA LEU A 33 0.14 7.62 -13.51
C LEU A 33 0.60 8.52 -12.37
N ARG A 34 1.28 7.92 -11.41
CA ARG A 34 1.82 8.67 -10.28
C ARG A 34 2.77 9.69 -10.91
N GLY A 35 3.51 9.22 -11.91
CA GLY A 35 4.46 10.09 -12.60
C GLY A 35 3.80 11.22 -13.39
N VAL A 36 2.65 10.94 -14.00
CA VAL A 36 1.91 11.93 -14.75
C VAL A 36 1.49 13.09 -13.82
N PHE A 37 0.70 12.78 -12.79
CA PHE A 37 0.27 13.82 -11.84
C PHE A 37 1.51 14.39 -11.17
N GLY A 38 2.46 13.52 -10.85
CA GLY A 38 3.68 13.98 -10.21
C GLY A 38 4.39 15.05 -11.00
N TYR A 39 4.33 14.99 -12.33
CA TYR A 39 5.00 15.95 -13.20
C TYR A 39 4.30 17.32 -13.31
N GLY A 40 3.05 17.39 -12.86
CA GLY A 40 2.33 18.65 -12.93
C GLY A 40 1.15 18.57 -13.87
N PHE A 41 1.05 17.46 -14.59
CA PHE A 41 -0.07 17.26 -15.51
C PHE A 41 -1.32 17.10 -14.68
N GLU A 42 -2.37 17.81 -15.04
CA GLU A 42 -3.61 17.70 -14.30
C GLU A 42 -4.65 16.99 -15.15
N GLU A 43 -5.13 17.62 -16.21
CA GLU A 43 -6.10 16.99 -17.09
C GLU A 43 -5.57 17.01 -18.52
N PRO A 44 -5.87 15.96 -19.29
CA PRO A 44 -5.42 15.86 -20.67
C PRO A 44 -5.79 17.09 -21.51
N SER A 45 -4.84 17.59 -22.30
CA SER A 45 -5.10 18.72 -23.18
C SER A 45 -5.78 18.14 -24.41
N ALA A 46 -6.28 18.98 -25.31
CA ALA A 46 -6.97 18.50 -26.50
C ALA A 46 -6.30 17.35 -27.25
N ILE A 47 -5.01 17.48 -27.54
CA ILE A 47 -4.30 16.43 -28.26
C ILE A 47 -4.08 15.19 -27.39
N GLN A 48 -3.79 15.38 -26.11
CA GLN A 48 -3.59 14.25 -25.21
C GLN A 48 -4.87 13.43 -25.09
N GLN A 49 -6.01 14.12 -25.08
CA GLN A 49 -7.31 13.48 -24.98
C GLN A 49 -7.58 12.58 -26.19
N ARG A 50 -6.88 12.84 -27.29
CA ARG A 50 -7.11 12.04 -28.49
C ARG A 50 -5.97 11.19 -28.96
N ALA A 51 -4.76 11.62 -28.68
CA ALA A 51 -3.61 10.94 -29.17
C ALA A 51 -3.05 9.81 -28.31
N ILE A 52 -3.10 9.94 -26.99
CA ILE A 52 -2.53 8.91 -26.13
C ILE A 52 -3.05 7.49 -26.36
N MSE A 53 -4.37 7.31 -26.23
CA MSE A 53 -4.94 5.98 -26.39
C MSE A 53 -4.63 5.29 -27.73
O MSE A 53 -4.25 4.11 -27.74
CB MSE A 53 -6.45 6.02 -26.14
CG MSE A 53 -6.82 6.39 -24.69
SE MSE A 53 -5.81 5.40 -23.33
CE MSE A 53 -6.25 3.59 -23.87
N PRO A 54 -4.77 6.00 -28.87
CA PRO A 54 -4.43 5.25 -30.09
C PRO A 54 -2.97 4.84 -30.11
N ILE A 55 -2.08 5.70 -29.65
CA ILE A 55 -0.68 5.34 -29.63
C ILE A 55 -0.50 4.07 -28.76
N ILE A 56 -1.01 4.11 -27.54
CA ILE A 56 -0.92 2.96 -26.66
C ILE A 56 -1.50 1.69 -27.31
N GLU A 57 -2.65 1.84 -27.96
CA GLU A 57 -3.33 0.73 -28.62
C GLU A 57 -2.56 0.10 -29.77
N GLY A 58 -1.54 0.78 -30.25
CA GLY A 58 -0.73 0.24 -31.33
C GLY A 58 -0.87 0.82 -32.72
N HIS A 59 -1.79 1.76 -32.91
CA HIS A 59 -1.99 2.35 -34.24
C HIS A 59 -0.86 3.27 -34.70
N ASP A 60 -0.55 3.26 -36.00
CA ASP A 60 0.42 4.22 -36.51
C ASP A 60 -0.40 5.50 -36.35
N VAL A 61 0.20 6.55 -35.81
CA VAL A 61 -0.53 7.78 -35.59
C VAL A 61 0.16 8.99 -36.17
N LEU A 62 -0.65 9.83 -36.80
CA LEU A 62 -0.20 11.06 -37.42
C LEU A 62 -0.97 12.14 -36.66
N ALA A 63 -0.24 12.99 -35.94
CA ALA A 63 -0.88 14.04 -35.15
C ALA A 63 -0.31 15.43 -35.39
N GLN A 64 -1.20 16.36 -35.66
CA GLN A 64 -0.83 17.76 -35.88
C GLN A 64 -0.84 18.41 -34.53
N ALA A 65 0.34 18.62 -33.95
CA ALA A 65 0.45 19.23 -32.63
C ALA A 65 1.58 20.25 -32.59
N GLN A 66 1.34 21.37 -31.92
CA GLN A 66 2.35 22.41 -31.80
C GLN A 66 3.35 22.03 -30.72
N SER A 67 4.55 22.62 -30.76
CA SER A 67 5.56 22.34 -29.75
C SER A 67 4.95 22.61 -28.40
N GLY A 68 5.41 21.89 -27.39
CA GLY A 68 4.87 22.08 -26.06
C GLY A 68 4.93 20.83 -25.22
N THR A 69 4.88 21.04 -23.90
CA THR A 69 4.94 19.96 -22.95
C THR A 69 3.73 19.04 -23.15
N GLY A 70 2.63 19.61 -23.67
CA GLY A 70 1.44 18.82 -23.91
C GLY A 70 1.66 17.77 -24.97
N LYS A 71 2.25 18.16 -26.09
CA LYS A 71 2.54 17.23 -27.16
C LYS A 71 3.59 16.21 -26.70
N THR A 72 4.66 16.70 -26.08
CA THR A 72 5.74 15.85 -25.60
C THR A 72 5.18 14.82 -24.64
N GLY A 73 4.39 15.30 -23.69
CA GLY A 73 3.77 14.41 -22.73
C GLY A 73 2.98 13.32 -23.43
N THR A 74 2.36 13.67 -24.56
CA THR A 74 1.56 12.76 -25.34
C THR A 74 2.29 11.51 -25.79
N PHE A 75 3.35 11.65 -26.56
CA PHE A 75 4.02 10.44 -26.99
C PHE A 75 4.91 9.83 -25.90
N SER A 76 5.29 10.66 -24.92
CA SER A 76 6.12 10.18 -23.80
C SER A 76 5.30 9.24 -22.92
N ILE A 77 4.11 9.68 -22.53
CA ILE A 77 3.25 8.87 -21.69
C ILE A 77 2.87 7.54 -22.37
N ALA A 78 2.50 7.63 -23.65
CA ALA A 78 2.12 6.44 -24.37
C ALA A 78 3.29 5.48 -24.48
N ALA A 79 4.42 5.98 -24.94
CA ALA A 79 5.61 5.16 -25.05
C ALA A 79 5.99 4.48 -23.73
N LEU A 80 5.83 5.17 -22.61
CA LEU A 80 6.19 4.59 -21.32
C LEU A 80 5.27 3.42 -20.92
N GLN A 81 4.01 3.52 -21.30
CA GLN A 81 3.01 2.50 -21.00
C GLN A 81 3.31 1.22 -21.79
N ARG A 82 3.86 1.39 -22.99
CA ARG A 82 4.17 0.28 -23.86
C ARG A 82 5.48 -0.43 -23.60
N ILE A 83 6.37 0.20 -22.84
CA ILE A 83 7.66 -0.39 -22.52
C ILE A 83 7.51 -1.67 -21.69
N ASP A 84 8.32 -2.68 -22.00
CA ASP A 84 8.30 -3.91 -21.21
C ASP A 84 9.51 -3.85 -20.30
N THR A 85 9.27 -3.65 -19.01
CA THR A 85 10.30 -3.57 -17.98
C THR A 85 11.36 -4.67 -18.04
N SER A 86 10.92 -5.90 -18.25
CA SER A 86 11.82 -7.04 -18.30
C SER A 86 12.83 -6.95 -19.44
N VAL A 87 12.43 -6.33 -20.55
CA VAL A 87 13.34 -6.20 -21.66
C VAL A 87 14.27 -5.01 -21.41
N LYS A 88 15.57 -5.29 -21.45
CA LYS A 88 16.58 -4.28 -21.21
C LYS A 88 17.31 -3.93 -22.52
N ALA A 89 16.53 -3.64 -23.55
CA ALA A 89 17.07 -3.27 -24.86
C ALA A 89 16.14 -2.22 -25.44
N PRO A 90 16.64 -1.41 -26.38
CA PRO A 90 15.82 -0.37 -26.99
C PRO A 90 14.47 -0.86 -27.52
N GLN A 91 13.39 -0.28 -26.98
CA GLN A 91 12.04 -0.63 -27.38
C GLN A 91 11.37 0.52 -28.11
N ALA A 92 11.76 1.75 -27.80
CA ALA A 92 11.17 2.93 -28.44
C ALA A 92 12.28 3.88 -28.88
N LEU A 93 12.12 4.43 -30.09
CA LEU A 93 13.07 5.38 -30.64
C LEU A 93 12.32 6.68 -30.99
N MSE A 94 12.78 7.79 -30.41
CA MSE A 94 12.18 9.10 -30.66
C MSE A 94 13.22 9.97 -31.34
O MSE A 94 14.37 9.97 -30.96
CB MSE A 94 11.74 9.74 -29.34
CG MSE A 94 11.11 8.76 -28.38
SE MSE A 94 10.56 9.50 -26.70
CE MSE A 94 12.24 10.01 -26.01
N LEU A 95 12.81 10.70 -32.37
CA LEU A 95 13.71 11.58 -33.08
C LEU A 95 13.23 13.03 -33.02
N ALA A 96 14.17 13.95 -32.84
CA ALA A 96 13.87 15.38 -32.77
C ALA A 96 14.83 16.14 -33.70
N PRO A 97 14.47 17.36 -34.13
CA PRO A 97 15.32 18.17 -35.02
C PRO A 97 16.68 18.62 -34.53
N THR A 98 16.85 18.72 -33.21
CA THR A 98 18.10 19.19 -32.62
C THR A 98 18.47 18.55 -31.29
N ARG A 99 19.75 18.61 -30.93
CA ARG A 99 20.25 18.07 -29.67
C ARG A 99 19.44 18.59 -28.48
N GLU A 100 19.27 19.91 -28.48
CA GLU A 100 18.52 20.62 -27.44
C GLU A 100 17.14 19.96 -27.29
N LEU A 101 16.40 19.90 -28.38
CA LEU A 101 15.08 19.31 -28.38
C LEU A 101 15.07 17.87 -27.89
N ALA A 102 16.08 17.09 -28.28
CA ALA A 102 16.17 15.71 -27.86
C ALA A 102 16.36 15.62 -26.35
N LEU A 103 17.30 16.41 -25.83
CA LEU A 103 17.59 16.42 -24.41
C LEU A 103 16.36 16.83 -23.63
N GLN A 104 15.59 17.77 -24.17
CA GLN A 104 14.39 18.20 -23.47
C GLN A 104 13.45 17.00 -23.36
N ILE A 105 13.29 16.27 -24.46
CA ILE A 105 12.42 15.12 -24.46
C ILE A 105 12.89 14.09 -23.45
N GLN A 106 14.20 13.85 -23.38
CA GLN A 106 14.74 12.88 -22.43
C GLN A 106 14.40 13.31 -21.02
N LYS A 107 14.40 14.62 -20.82
CA LYS A 107 14.08 15.21 -19.53
C LYS A 107 12.60 14.95 -19.20
N VAL A 108 11.73 15.09 -20.18
CA VAL A 108 10.30 14.86 -19.94
C VAL A 108 9.97 13.41 -19.63
N VAL A 109 10.49 12.47 -20.43
CA VAL A 109 10.16 11.07 -20.14
C VAL A 109 10.77 10.58 -18.83
N MSE A 110 11.95 11.09 -18.49
CA MSE A 110 12.62 10.73 -17.23
C MSE A 110 11.75 11.14 -16.04
O MSE A 110 11.57 10.39 -15.08
CB MSE A 110 13.96 11.46 -17.12
CG MSE A 110 15.09 10.92 -18.00
SE MSE A 110 15.64 9.19 -17.41
CE MSE A 110 17.12 9.71 -16.28
N ALA A 111 11.20 12.36 -16.09
CA ALA A 111 10.35 12.84 -15.03
C ALA A 111 9.11 11.98 -14.96
N LEU A 112 8.47 11.80 -16.12
CA LEU A 112 7.27 10.99 -16.23
C LEU A 112 7.53 9.59 -15.69
N ALA A 113 8.76 9.10 -15.85
CA ALA A 113 9.12 7.75 -15.36
C ALA A 113 9.77 7.77 -13.96
N PHE A 114 9.59 8.85 -13.22
CA PHE A 114 10.17 8.99 -11.88
C PHE A 114 9.93 7.83 -10.89
N HIS A 115 8.75 7.22 -10.95
CA HIS A 115 8.41 6.13 -10.06
C HIS A 115 8.57 4.79 -10.78
N MSE A 116 9.27 4.81 -11.91
CA MSE A 116 9.49 3.61 -12.69
C MSE A 116 10.99 3.40 -12.81
O MSE A 116 11.76 4.25 -12.37
CB MSE A 116 8.89 3.77 -14.10
CG MSE A 116 7.40 4.11 -14.13
SE MSE A 116 6.80 4.59 -15.91
CE MSE A 116 7.19 2.92 -16.79
N ASP A 117 11.40 2.28 -13.38
CA ASP A 117 12.81 1.95 -13.55
C ASP A 117 13.11 1.74 -15.04
N ILE A 118 12.99 2.83 -15.80
CA ILE A 118 13.20 2.83 -17.25
C ILE A 118 14.48 3.58 -17.58
N LYS A 119 15.28 3.05 -18.48
CA LYS A 119 16.51 3.71 -18.86
C LYS A 119 16.29 4.46 -20.17
N VAL A 120 16.68 5.73 -20.19
CA VAL A 120 16.49 6.56 -21.38
C VAL A 120 17.83 7.13 -21.86
N HIS A 121 18.25 6.71 -23.05
CA HIS A 121 19.52 7.20 -23.61
C HIS A 121 19.40 8.23 -24.73
N ALA A 122 20.20 9.29 -24.63
CA ALA A 122 20.20 10.33 -25.65
C ALA A 122 21.34 10.13 -26.62
N CYS A 123 20.99 9.81 -27.87
CA CYS A 123 21.97 9.59 -28.91
C CYS A 123 22.08 10.89 -29.69
N ILE A 124 22.90 11.80 -29.17
CA ILE A 124 23.06 13.12 -29.75
C ILE A 124 24.53 13.48 -30.01
N GLY A 125 24.74 14.66 -30.57
CA GLY A 125 26.09 15.12 -30.87
C GLY A 125 27.01 15.23 -29.65
N GLY A 126 28.31 15.04 -29.89
CA GLY A 126 29.26 15.12 -28.80
C GLY A 126 28.94 14.11 -27.72
N THR A 127 29.51 12.92 -27.87
CA THR A 127 29.31 11.83 -26.92
C THR A 127 30.29 10.70 -27.26
N SER A 128 31.21 10.44 -26.35
CA SER A 128 32.21 9.39 -26.54
C SER A 128 31.56 8.13 -27.10
N PHE A 129 31.96 7.75 -28.30
CA PHE A 129 31.42 6.55 -28.96
C PHE A 129 31.45 5.34 -28.02
N VAL A 130 32.12 5.50 -26.89
CA VAL A 130 32.22 4.43 -25.89
C VAL A 130 31.00 4.47 -24.97
N GLU A 131 30.70 5.65 -24.45
CA GLU A 131 29.54 5.81 -23.56
C GLU A 131 28.27 5.69 -24.39
N ASP A 132 28.34 6.14 -25.64
CA ASP A 132 27.21 6.05 -26.53
C ASP A 132 26.87 4.58 -26.66
N ALA A 133 27.91 3.76 -26.79
CA ALA A 133 27.75 2.32 -26.92
C ALA A 133 27.12 1.73 -25.67
N GLU A 134 27.72 2.05 -24.53
CA GLU A 134 27.21 1.54 -23.26
C GLU A 134 25.77 2.02 -22.99
N GLY A 135 25.50 3.26 -23.36
CA GLY A 135 24.17 3.82 -23.17
C GLY A 135 23.09 3.15 -24.00
N LEU A 136 23.43 2.74 -25.22
CA LEU A 136 22.47 2.09 -26.10
C LEU A 136 22.32 0.60 -25.80
N ARG A 137 23.31 0.01 -25.15
CA ARG A 137 23.27 -1.42 -24.85
C ARG A 137 22.00 -1.82 -24.10
N ASP A 138 21.75 -1.17 -22.98
CA ASP A 138 20.58 -1.51 -22.19
C ASP A 138 19.49 -0.44 -22.11
N ALA A 139 19.60 0.61 -22.91
CA ALA A 139 18.56 1.64 -22.90
C ALA A 139 17.26 1.03 -23.41
N GLN A 140 16.14 1.50 -22.87
CA GLN A 140 14.84 0.99 -23.30
C GLN A 140 14.15 2.01 -24.20
N ILE A 141 14.43 3.29 -23.96
CA ILE A 141 13.88 4.38 -24.77
C ILE A 141 15.09 5.17 -25.26
N VAL A 142 15.27 5.22 -26.57
CA VAL A 142 16.37 5.94 -27.16
C VAL A 142 15.82 7.19 -27.86
N VAL A 143 16.44 8.34 -27.61
CA VAL A 143 16.02 9.60 -28.21
C VAL A 143 17.23 10.33 -28.78
N GLY A 144 17.09 10.96 -29.93
CA GLY A 144 18.22 11.68 -30.49
C GLY A 144 17.96 12.27 -31.85
N THR A 145 19.00 12.69 -32.54
CA THR A 145 18.85 13.25 -33.87
C THR A 145 19.07 12.19 -34.93
N PRO A 146 18.44 12.35 -36.11
CA PRO A 146 18.52 11.43 -37.26
C PRO A 146 19.88 10.92 -37.66
N GLY A 147 20.82 11.83 -37.88
CA GLY A 147 22.16 11.45 -38.27
C GLY A 147 22.85 10.59 -37.25
N ARG A 148 22.97 11.11 -36.03
CA ARG A 148 23.62 10.36 -34.96
C ARG A 148 23.01 8.99 -34.78
N VAL A 149 21.68 8.92 -34.88
CA VAL A 149 20.99 7.64 -34.72
C VAL A 149 21.31 6.72 -35.88
N PHE A 150 21.19 7.22 -37.10
CA PHE A 150 21.51 6.40 -38.26
C PHE A 150 22.93 5.86 -38.13
N ASP A 151 23.87 6.77 -37.88
CA ASP A 151 25.27 6.37 -37.73
C ASP A 151 25.43 5.27 -36.70
N ASN A 152 24.81 5.43 -35.54
CA ASN A 152 24.93 4.43 -34.50
C ASN A 152 24.29 3.10 -34.86
N ILE A 153 23.29 3.12 -35.74
CA ILE A 153 22.65 1.88 -36.14
C ILE A 153 23.52 1.12 -37.14
N GLN A 154 24.16 1.86 -38.03
CA GLN A 154 25.03 1.24 -39.03
C GLN A 154 26.29 0.64 -38.36
N ARG A 155 26.92 1.41 -37.48
CA ARG A 155 28.11 0.93 -36.79
C ARG A 155 27.73 -0.13 -35.78
N ARG A 156 26.44 -0.39 -35.68
CA ARG A 156 25.89 -1.42 -34.80
C ARG A 156 25.92 -1.23 -33.28
N ARG A 157 26.14 0.00 -32.82
CA ARG A 157 26.16 0.25 -31.38
C ARG A 157 24.72 0.29 -30.85
N PHE A 158 23.78 0.53 -31.76
CA PHE A 158 22.36 0.62 -31.43
C PHE A 158 21.57 -0.51 -32.09
N ARG A 159 21.24 -1.55 -31.31
CA ARG A 159 20.48 -2.69 -31.80
C ARG A 159 18.99 -2.34 -31.89
N THR A 160 18.38 -2.60 -33.04
CA THR A 160 16.99 -2.24 -33.24
C THR A 160 15.95 -3.34 -33.27
N ASP A 161 16.38 -4.60 -33.22
CA ASP A 161 15.45 -5.72 -33.30
C ASP A 161 14.30 -5.74 -32.29
N LYS A 162 14.46 -5.08 -31.14
CA LYS A 162 13.40 -5.03 -30.13
C LYS A 162 12.55 -3.76 -30.24
N ILE A 163 12.93 -2.85 -31.11
CA ILE A 163 12.20 -1.60 -31.29
C ILE A 163 10.78 -1.90 -31.75
N LYS A 164 9.79 -1.39 -31.02
CA LYS A 164 8.39 -1.62 -31.37
C LYS A 164 7.70 -0.30 -31.73
N MSE A 165 8.28 0.82 -31.29
CA MSE A 165 7.70 2.12 -31.57
C MSE A 165 8.74 3.15 -32.06
O MSE A 165 9.84 3.27 -31.50
CB MSE A 165 7.03 2.65 -30.29
CG MSE A 165 6.12 3.84 -30.49
SE MSE A 165 5.40 4.42 -28.78
CE MSE A 165 5.54 2.74 -27.85
N PHE A 166 8.38 3.87 -33.12
CA PHE A 166 9.22 4.86 -33.76
C PHE A 166 8.45 6.20 -33.74
N ILE A 167 8.90 7.13 -32.92
CA ILE A 167 8.28 8.44 -32.80
C ILE A 167 9.09 9.47 -33.58
N LEU A 168 8.42 10.22 -34.46
CA LEU A 168 9.09 11.28 -35.21
C LEU A 168 8.51 12.63 -34.76
N ASP A 169 9.22 13.33 -33.90
CA ASP A 169 8.73 14.61 -33.38
C ASP A 169 9.11 15.78 -34.30
N GLU A 170 8.16 16.69 -34.51
CA GLU A 170 8.34 17.85 -35.39
C GLU A 170 8.90 17.39 -36.72
N ALA A 171 8.18 16.48 -37.35
CA ALA A 171 8.59 15.91 -38.63
C ALA A 171 8.91 16.95 -39.69
N ASP A 172 8.09 18.00 -39.77
CA ASP A 172 8.29 19.04 -40.76
C ASP A 172 9.60 19.77 -40.56
N GLU A 173 9.96 19.98 -39.30
CA GLU A 173 11.20 20.66 -38.95
C GLU A 173 12.37 19.76 -39.28
N MSE A 174 12.27 18.48 -38.94
CA MSE A 174 13.36 17.57 -39.24
C MSE A 174 13.57 17.47 -40.74
O MSE A 174 14.71 17.40 -41.22
CB MSE A 174 13.09 16.17 -38.69
CG MSE A 174 13.09 16.09 -37.18
SE MSE A 174 13.29 14.27 -36.58
CE MSE A 174 11.55 13.58 -37.04
N LEU A 175 12.48 17.46 -41.50
CA LEU A 175 12.59 17.36 -42.94
C LEU A 175 13.12 18.67 -43.53
N SER A 176 12.61 19.78 -43.02
CA SER A 176 13.04 21.10 -43.47
C SER A 176 14.51 21.32 -43.15
N SER A 177 15.05 20.51 -42.24
CA SER A 177 16.45 20.61 -41.84
C SER A 177 17.32 19.68 -42.67
N GLY A 178 16.71 18.92 -43.57
CA GLY A 178 17.50 18.02 -44.41
C GLY A 178 17.70 16.58 -43.95
N PHE A 179 16.96 16.12 -42.94
CA PHE A 179 17.12 14.75 -42.45
C PHE A 179 16.32 13.67 -43.18
N LYS A 180 15.66 14.06 -44.27
CA LYS A 180 14.84 13.14 -45.06
C LYS A 180 15.52 11.79 -45.37
N GLU A 181 16.67 11.84 -46.03
CA GLU A 181 17.36 10.62 -46.38
C GLU A 181 17.62 9.73 -45.18
N GLN A 182 18.14 10.31 -44.10
CA GLN A 182 18.43 9.54 -42.90
C GLN A 182 17.16 8.95 -42.28
N ILE A 183 16.10 9.72 -42.23
CA ILE A 183 14.85 9.22 -41.65
C ILE A 183 14.36 8.03 -42.46
N TYR A 184 14.44 8.15 -43.80
CA TYR A 184 14.03 7.08 -44.69
C TYR A 184 14.89 5.84 -44.48
N GLN A 185 16.20 6.04 -44.35
CA GLN A 185 17.10 4.92 -44.13
C GLN A 185 16.78 4.19 -42.82
N ILE A 186 16.51 4.97 -41.77
CA ILE A 186 16.20 4.39 -40.47
C ILE A 186 14.97 3.49 -40.56
N PHE A 187 13.93 3.94 -41.23
CA PHE A 187 12.71 3.14 -41.38
C PHE A 187 13.04 1.72 -41.88
N THR A 188 13.94 1.64 -42.85
CA THR A 188 14.32 0.35 -43.42
C THR A 188 15.21 -0.44 -42.46
N LEU A 189 15.87 0.28 -41.55
CA LEU A 189 16.74 -0.35 -40.58
C LEU A 189 16.00 -0.75 -39.32
N LEU A 190 14.70 -0.47 -39.28
CA LEU A 190 13.89 -0.83 -38.11
C LEU A 190 12.98 -1.99 -38.45
N PRO A 191 12.66 -2.84 -37.46
CA PRO A 191 11.77 -3.95 -37.80
C PRO A 191 10.52 -3.43 -38.50
N PRO A 192 10.17 -4.04 -39.64
CA PRO A 192 9.02 -3.72 -40.52
C PRO A 192 7.70 -3.41 -39.85
N THR A 193 7.39 -4.10 -38.76
CA THR A 193 6.12 -3.86 -38.08
C THR A 193 6.12 -2.69 -37.10
N THR A 194 7.28 -2.11 -36.83
CA THR A 194 7.37 -1.00 -35.89
C THR A 194 6.23 0.02 -36.02
N GLN A 195 5.62 0.35 -34.89
CA GLN A 195 4.54 1.34 -34.86
C GLN A 195 5.19 2.70 -35.16
N VAL A 196 4.55 3.48 -36.01
CA VAL A 196 5.08 4.78 -36.38
C VAL A 196 4.21 5.92 -35.83
N VAL A 197 4.83 6.84 -35.11
CA VAL A 197 4.10 7.98 -34.56
C VAL A 197 4.78 9.24 -35.06
N LEU A 198 3.99 10.13 -35.66
CA LEU A 198 4.52 11.36 -36.22
C LEU A 198 3.76 12.63 -35.78
N LEU A 199 4.46 13.49 -35.05
CA LEU A 199 3.92 14.74 -34.56
C LEU A 199 4.51 15.85 -35.41
N SER A 200 3.65 16.75 -35.89
CA SER A 200 4.12 17.86 -36.71
C SER A 200 3.13 19.03 -36.71
N ALA A 201 3.65 20.23 -36.47
CA ALA A 201 2.82 21.43 -36.45
C ALA A 201 2.13 21.67 -37.81
N THR A 202 2.86 21.44 -38.90
CA THR A 202 2.33 21.63 -40.24
C THR A 202 2.33 20.31 -41.02
N MSE A 203 1.50 20.24 -42.05
CA MSE A 203 1.41 19.02 -42.85
C MSE A 203 1.81 19.24 -44.30
O MSE A 203 0.99 19.07 -45.20
CB MSE A 203 -0.01 18.45 -42.80
CG MSE A 203 -0.44 17.87 -41.47
SE MSE A 203 0.63 16.37 -40.87
CE MSE A 203 0.27 15.09 -42.27
N PRO A 204 3.07 19.61 -44.55
CA PRO A 204 3.52 19.83 -45.93
C PRO A 204 3.69 18.50 -46.66
N ASN A 205 3.91 18.56 -47.97
CA ASN A 205 4.06 17.35 -48.77
C ASN A 205 5.15 16.43 -48.24
N ASP A 206 6.24 17.00 -47.72
CA ASP A 206 7.33 16.19 -47.18
C ASP A 206 6.76 15.22 -46.14
N VAL A 207 5.89 15.76 -45.29
CA VAL A 207 5.26 14.97 -44.25
C VAL A 207 4.27 13.97 -44.84
N LEU A 208 3.43 14.46 -45.75
CA LEU A 208 2.44 13.61 -46.38
C LEU A 208 3.13 12.44 -47.08
N GLU A 209 4.29 12.70 -47.67
CA GLU A 209 5.02 11.66 -48.36
C GLU A 209 5.49 10.61 -47.36
N VAL A 210 6.03 11.05 -46.24
CA VAL A 210 6.48 10.11 -45.23
C VAL A 210 5.29 9.27 -44.79
N THR A 211 4.19 9.96 -44.47
CA THR A 211 2.97 9.31 -44.04
C THR A 211 2.49 8.23 -45.00
N THR A 212 2.44 8.57 -46.28
CA THR A 212 1.96 7.61 -47.28
C THR A 212 2.93 6.45 -47.54
N LYS A 213 4.22 6.72 -47.46
CA LYS A 213 5.23 5.71 -47.72
C LYS A 213 5.53 4.78 -46.57
N PHE A 214 5.38 5.25 -45.33
CA PHE A 214 5.69 4.38 -44.20
C PHE A 214 4.58 4.05 -43.22
N MSE A 215 3.54 4.87 -43.15
CA MSE A 215 2.48 4.55 -42.20
C MSE A 215 1.40 3.65 -42.77
O MSE A 215 1.10 3.66 -43.97
CB MSE A 215 1.92 5.85 -41.65
CG MSE A 215 3.02 6.71 -41.05
SE MSE A 215 2.43 8.35 -40.25
CE MSE A 215 1.74 7.62 -38.61
N ARG A 216 0.80 2.84 -41.90
CA ARG A 216 -0.23 1.92 -42.34
C ARG A 216 -1.61 2.25 -41.78
N ASN A 217 -2.50 2.69 -42.66
CA ASN A 217 -3.86 3.02 -42.25
C ASN A 217 -3.81 3.64 -40.86
N PRO A 218 -3.08 4.74 -40.74
CA PRO A 218 -2.88 5.47 -39.50
C PRO A 218 -4.08 6.26 -39.04
N VAL A 219 -4.16 6.48 -37.73
CA VAL A 219 -5.23 7.31 -37.24
C VAL A 219 -4.65 8.69 -37.55
N ARG A 220 -5.50 9.60 -38.00
CA ARG A 220 -5.05 10.94 -38.34
C ARG A 220 -5.78 11.95 -37.46
N ILE A 221 -5.00 12.74 -36.75
CA ILE A 221 -5.54 13.76 -35.86
C ILE A 221 -5.01 15.08 -36.40
N LEU A 222 -5.85 15.78 -37.16
CA LEU A 222 -5.46 17.03 -37.80
C LEU A 222 -6.15 18.28 -37.28
N VAL A 223 -5.66 19.42 -37.74
CA VAL A 223 -6.23 20.71 -37.36
C VAL A 223 -7.16 21.26 -38.44
N LYS A 224 -8.39 21.59 -38.03
CA LYS A 224 -9.44 22.14 -38.89
C LYS A 224 -9.03 22.58 -40.31
N LYS A 225 -8.26 23.68 -40.37
CA LYS A 225 -7.77 24.27 -41.64
C LYS A 225 -8.69 25.38 -42.17
N GLN B 11 -9.30 -8.51 22.02
CA GLN B 11 -10.73 -8.09 21.91
C GLN B 11 -10.81 -6.57 21.80
N ILE B 12 -11.78 -5.96 22.47
CA ILE B 12 -11.94 -4.51 22.40
C ILE B 12 -11.85 -3.83 23.77
N GLN B 13 -11.10 -2.75 23.81
CA GLN B 13 -10.95 -1.97 25.03
C GLN B 13 -11.51 -0.61 24.67
N THR B 14 -12.46 -0.11 25.46
CA THR B 14 -13.06 1.19 25.17
C THR B 14 -13.49 1.92 26.44
N ASN B 15 -13.61 3.24 26.35
CA ASN B 15 -14.03 4.06 27.48
C ASN B 15 -15.42 4.62 27.23
N TYR B 16 -16.12 4.04 26.27
CA TYR B 16 -17.45 4.52 25.95
C TYR B 16 -18.49 3.52 26.49
N ASP B 17 -18.20 2.23 26.33
CA ASP B 17 -19.09 1.17 26.85
C ASP B 17 -20.54 1.49 26.53
N LYS B 18 -20.96 1.11 25.33
CA LYS B 18 -22.31 1.36 24.85
C LYS B 18 -22.26 0.73 23.48
N VAL B 19 -23.05 -0.30 23.30
CA VAL B 19 -23.03 -0.98 22.03
C VAL B 19 -24.43 -1.04 21.44
N VAL B 20 -24.50 -1.00 20.12
CA VAL B 20 -25.76 -1.10 19.44
C VAL B 20 -25.54 -2.26 18.47
N TYR B 21 -26.47 -3.20 18.46
CA TYR B 21 -26.29 -4.37 17.62
C TYR B 21 -26.96 -4.35 16.26
N LYS B 22 -27.83 -3.39 16.03
CA LYS B 22 -28.51 -3.33 14.74
C LYS B 22 -28.68 -1.91 14.25
N PHE B 23 -28.44 -1.69 12.96
CA PHE B 23 -28.58 -0.37 12.39
C PHE B 23 -29.97 0.22 12.70
N ASP B 24 -30.97 -0.66 12.83
CA ASP B 24 -32.33 -0.23 13.14
C ASP B 24 -32.42 0.52 14.48
N ASP B 25 -31.53 0.18 15.42
CA ASP B 25 -31.52 0.80 16.74
C ASP B 25 -30.64 2.02 16.84
N MSE B 26 -30.14 2.52 15.71
CA MSE B 26 -29.24 3.66 15.74
C MSE B 26 -29.87 5.03 15.47
O MSE B 26 -29.17 6.03 15.39
CB MSE B 26 -28.08 3.43 14.80
CG MSE B 26 -27.15 2.32 15.21
SE MSE B 26 -25.65 2.24 13.99
CE MSE B 26 -25.02 0.44 14.27
N GLU B 27 -31.20 5.06 15.34
CA GLU B 27 -31.92 6.31 15.09
C GLU B 27 -31.42 7.00 13.82
N LEU B 28 -31.14 6.19 12.81
CA LEU B 28 -30.65 6.70 11.54
C LEU B 28 -31.81 7.26 10.75
N ASP B 29 -31.57 8.35 10.02
CA ASP B 29 -32.62 8.94 9.20
C ASP B 29 -33.05 7.83 8.25
N GLU B 30 -34.36 7.69 8.06
CA GLU B 30 -34.90 6.64 7.21
C GLU B 30 -34.23 6.48 5.83
N ASN B 31 -33.85 7.59 5.20
CA ASN B 31 -33.22 7.51 3.89
C ASN B 31 -31.82 6.91 3.97
N LEU B 32 -31.04 7.35 4.95
CA LEU B 32 -29.70 6.82 5.15
C LEU B 32 -29.79 5.31 5.44
N LEU B 33 -30.78 4.92 6.25
CA LEU B 33 -30.94 3.51 6.60
C LEU B 33 -31.24 2.65 5.38
N ARG B 34 -32.06 3.16 4.48
CA ARG B 34 -32.38 2.42 3.27
C ARG B 34 -31.09 2.24 2.49
N GLY B 35 -30.22 3.24 2.55
CA GLY B 35 -28.93 3.18 1.87
C GLY B 35 -27.98 2.18 2.51
N VAL B 36 -28.03 2.06 3.83
CA VAL B 36 -27.18 1.13 4.55
C VAL B 36 -27.47 -0.31 4.07
N PHE B 37 -28.74 -0.69 4.13
CA PHE B 37 -29.15 -2.04 3.70
C PHE B 37 -29.00 -2.18 2.18
N GLY B 38 -29.34 -1.12 1.46
CA GLY B 38 -29.23 -1.17 0.01
C GLY B 38 -27.82 -1.41 -0.46
N TYR B 39 -26.83 -1.01 0.35
CA TYR B 39 -25.43 -1.18 -0.03
C TYR B 39 -24.92 -2.59 0.22
N GLY B 40 -25.57 -3.29 1.15
CA GLY B 40 -25.16 -4.64 1.48
C GLY B 40 -24.85 -4.86 2.95
N PHE B 41 -24.97 -3.81 3.77
CA PHE B 41 -24.71 -3.96 5.19
C PHE B 41 -25.92 -4.64 5.83
N GLU B 42 -25.67 -5.68 6.61
CA GLU B 42 -26.74 -6.39 7.29
C GLU B 42 -26.65 -6.07 8.78
N GLU B 43 -25.72 -6.74 9.46
CA GLU B 43 -25.52 -6.53 10.89
C GLU B 43 -24.22 -5.78 11.12
N PRO B 44 -24.24 -4.73 11.95
CA PRO B 44 -23.04 -3.94 12.26
C PRO B 44 -21.88 -4.85 12.65
N SER B 45 -20.67 -4.50 12.21
CA SER B 45 -19.49 -5.28 12.56
C SER B 45 -19.05 -4.78 13.92
N ALA B 46 -18.03 -5.41 14.50
CA ALA B 46 -17.55 -5.04 15.82
C ALA B 46 -17.26 -3.55 16.00
N ILE B 47 -16.58 -2.95 15.04
CA ILE B 47 -16.27 -1.52 15.12
C ILE B 47 -17.51 -0.65 14.88
N GLN B 48 -18.42 -1.10 14.02
CA GLN B 48 -19.63 -0.31 13.76
C GLN B 48 -20.59 -0.29 14.95
N GLN B 49 -20.61 -1.37 15.71
CA GLN B 49 -21.47 -1.48 16.89
C GLN B 49 -21.00 -0.56 18.02
N ARG B 50 -19.79 -0.01 17.88
CA ARG B 50 -19.24 0.85 18.92
C ARG B 50 -18.91 2.28 18.52
N ALA B 51 -18.37 2.44 17.32
CA ALA B 51 -17.94 3.74 16.85
C ALA B 51 -18.99 4.66 16.21
N ILE B 52 -20.00 4.09 15.56
CA ILE B 52 -21.02 4.91 14.91
C ILE B 52 -21.77 5.87 15.84
N MSE B 53 -22.35 5.34 16.92
CA MSE B 53 -23.10 6.18 17.85
C MSE B 53 -22.30 7.32 18.45
O MSE B 53 -22.75 8.46 18.44
CB MSE B 53 -23.74 5.31 18.93
CG MSE B 53 -24.84 4.38 18.39
SE MSE B 53 -26.15 5.30 17.27
CE MSE B 53 -25.32 5.10 15.58
N PRO B 54 -21.09 7.04 18.99
CA PRO B 54 -20.32 8.12 19.57
C PRO B 54 -19.99 9.20 18.54
N ILE B 55 -19.71 8.79 17.30
CA ILE B 55 -19.43 9.77 16.26
C ILE B 55 -20.68 10.63 16.04
N ILE B 56 -21.84 9.99 15.84
CA ILE B 56 -23.09 10.71 15.67
C ILE B 56 -23.29 11.68 16.82
N GLU B 57 -23.12 11.19 18.06
CA GLU B 57 -23.32 12.01 19.25
C GLU B 57 -22.43 13.22 19.36
N GLY B 58 -21.37 13.28 18.55
CA GLY B 58 -20.49 14.44 18.57
C GLY B 58 -19.16 14.31 19.27
N HIS B 59 -18.88 13.17 19.87
CA HIS B 59 -17.59 13.02 20.56
C HIS B 59 -16.43 12.96 19.55
N ASP B 60 -15.24 13.26 20.03
CA ASP B 60 -14.08 13.09 19.20
C ASP B 60 -13.87 11.60 19.39
N VAL B 61 -13.58 10.87 18.31
CA VAL B 61 -13.38 9.45 18.44
C VAL B 61 -12.08 8.99 17.82
N LEU B 62 -11.44 8.07 18.53
CA LEU B 62 -10.20 7.46 18.11
C LEU B 62 -10.56 5.97 18.03
N ALA B 63 -10.48 5.42 16.82
CA ALA B 63 -10.84 4.03 16.60
C ALA B 63 -9.79 3.26 15.85
N GLN B 64 -9.44 2.10 16.39
CA GLN B 64 -8.45 1.23 15.77
C GLN B 64 -9.24 0.30 14.92
N ALA B 65 -9.14 0.48 13.61
CA ALA B 65 -9.87 -0.37 12.68
C ALA B 65 -9.04 -0.68 11.45
N GLN B 66 -9.07 -1.95 11.02
CA GLN B 66 -8.33 -2.37 9.83
C GLN B 66 -9.05 -1.82 8.59
N SER B 67 -8.30 -1.66 7.49
CA SER B 67 -8.89 -1.17 6.26
C SER B 67 -10.05 -2.08 5.88
N GLY B 68 -11.06 -1.52 5.24
CA GLY B 68 -12.19 -2.33 4.85
C GLY B 68 -13.49 -1.56 4.79
N THR B 69 -14.47 -2.19 4.17
CA THR B 69 -15.79 -1.60 3.99
C THR B 69 -16.45 -1.39 5.37
N GLY B 70 -16.11 -2.23 6.32
CA GLY B 70 -16.69 -2.09 7.65
C GLY B 70 -16.31 -0.75 8.27
N LYS B 71 -15.03 -0.41 8.18
CA LYS B 71 -14.55 0.84 8.74
C LYS B 71 -15.08 2.03 7.93
N THR B 72 -15.01 1.94 6.61
CA THR B 72 -15.48 3.02 5.76
C THR B 72 -16.94 3.27 6.05
N GLY B 73 -17.72 2.20 6.19
CA GLY B 73 -19.12 2.35 6.49
C GLY B 73 -19.34 3.09 7.79
N THR B 74 -18.45 2.83 8.75
CA THR B 74 -18.52 3.45 10.06
C THR B 74 -18.54 4.96 10.04
N PHE B 75 -17.51 5.57 9.48
CA PHE B 75 -17.51 7.01 9.48
C PHE B 75 -18.39 7.59 8.38
N SER B 76 -18.68 6.79 7.35
CA SER B 76 -19.53 7.27 6.26
C SER B 76 -20.96 7.41 6.74
N ILE B 77 -21.45 6.35 7.38
CA ILE B 77 -22.80 6.30 7.91
C ILE B 77 -23.00 7.41 8.95
N ALA B 78 -22.05 7.52 9.89
CA ALA B 78 -22.13 8.53 10.92
C ALA B 78 -22.15 9.92 10.31
N ALA B 79 -21.20 10.19 9.42
CA ALA B 79 -21.11 11.49 8.77
C ALA B 79 -22.38 11.85 7.99
N LEU B 80 -22.95 10.90 7.26
CA LEU B 80 -24.16 11.19 6.50
C LEU B 80 -25.33 11.51 7.42
N GLN B 81 -25.31 10.98 8.63
CA GLN B 81 -26.36 11.20 9.60
C GLN B 81 -26.30 12.60 10.22
N ARG B 82 -25.10 13.19 10.22
CA ARG B 82 -24.92 14.51 10.78
C ARG B 82 -24.91 15.62 9.74
N ILE B 83 -25.10 15.27 8.47
CA ILE B 83 -25.13 16.29 7.41
C ILE B 83 -26.47 17.03 7.39
N ASP B 84 -26.40 18.36 7.34
CA ASP B 84 -27.59 19.20 7.26
C ASP B 84 -27.80 19.44 5.76
N THR B 85 -28.72 18.67 5.18
CA THR B 85 -29.01 18.77 3.75
C THR B 85 -29.33 20.19 3.30
N SER B 86 -29.95 20.96 4.19
CA SER B 86 -30.29 22.35 3.90
C SER B 86 -29.04 23.17 3.62
N VAL B 87 -27.91 22.79 4.20
CA VAL B 87 -26.67 23.53 4.00
C VAL B 87 -25.93 22.97 2.78
N LYS B 88 -25.69 23.83 1.80
CA LYS B 88 -25.01 23.42 0.57
C LYS B 88 -23.53 23.84 0.55
N ALA B 89 -22.85 23.62 1.66
CA ALA B 89 -21.43 23.96 1.79
C ALA B 89 -20.77 22.81 2.54
N PRO B 90 -19.43 22.69 2.43
CA PRO B 90 -18.72 21.61 3.11
C PRO B 90 -19.01 21.52 4.60
N GLN B 91 -19.50 20.36 5.04
CA GLN B 91 -19.82 20.12 6.45
C GLN B 91 -18.94 19.02 7.03
N ALA B 92 -18.44 18.13 6.15
CA ALA B 92 -17.60 17.03 6.60
C ALA B 92 -16.41 16.89 5.67
N LEU B 93 -15.21 16.80 6.25
CA LEU B 93 -13.99 16.64 5.47
C LEU B 93 -13.32 15.32 5.84
N MSE B 94 -13.08 14.46 4.85
CA MSE B 94 -12.43 13.17 5.09
C MSE B 94 -11.10 13.07 4.36
O MSE B 94 -11.03 13.30 3.15
CB MSE B 94 -13.34 12.03 4.62
CG MSE B 94 -14.73 12.09 5.17
SE MSE B 94 -15.92 10.84 4.31
CE MSE B 94 -15.73 11.50 2.54
N LEU B 95 -10.04 12.74 5.09
CA LEU B 95 -8.72 12.62 4.49
C LEU B 95 -8.28 11.16 4.35
N ALA B 96 -7.58 10.89 3.25
CA ALA B 96 -7.08 9.55 2.98
C ALA B 96 -5.64 9.68 2.46
N PRO B 97 -4.85 8.59 2.58
CA PRO B 97 -3.44 8.50 2.17
C PRO B 97 -3.17 8.64 0.66
N THR B 98 -4.14 8.26 -0.18
CA THR B 98 -3.95 8.31 -1.64
C THR B 98 -5.22 8.65 -2.41
N ARG B 99 -5.05 9.09 -3.66
CA ARG B 99 -6.17 9.44 -4.53
C ARG B 99 -7.16 8.30 -4.58
N GLU B 100 -6.63 7.11 -4.85
CA GLU B 100 -7.40 5.88 -4.98
C GLU B 100 -8.28 5.61 -3.77
N LEU B 101 -7.68 5.61 -2.58
CA LEU B 101 -8.42 5.38 -1.35
C LEU B 101 -9.50 6.44 -1.22
N ALA B 102 -9.15 7.69 -1.49
CA ALA B 102 -10.12 8.77 -1.40
C ALA B 102 -11.29 8.49 -2.35
N LEU B 103 -10.98 8.09 -3.57
CA LEU B 103 -12.01 7.77 -4.57
C LEU B 103 -12.91 6.63 -4.10
N GLN B 104 -12.30 5.64 -3.44
CA GLN B 104 -13.07 4.51 -2.94
C GLN B 104 -14.04 5.01 -1.86
N ILE B 105 -13.53 5.87 -0.98
CA ILE B 105 -14.36 6.42 0.09
C ILE B 105 -15.51 7.20 -0.54
N GLN B 106 -15.22 7.98 -1.57
CA GLN B 106 -16.27 8.75 -2.22
C GLN B 106 -17.33 7.83 -2.79
N LYS B 107 -16.94 6.65 -3.29
CA LYS B 107 -17.94 5.71 -3.81
C LYS B 107 -18.82 5.20 -2.68
N VAL B 108 -18.20 4.80 -1.58
CA VAL B 108 -18.94 4.26 -0.44
C VAL B 108 -19.98 5.23 0.08
N VAL B 109 -19.56 6.45 0.41
CA VAL B 109 -20.50 7.45 0.93
C VAL B 109 -21.59 7.70 -0.07
N MSE B 110 -21.21 7.78 -1.34
CA MSE B 110 -22.15 8.01 -2.43
C MSE B 110 -23.21 6.94 -2.46
O MSE B 110 -24.41 7.23 -2.59
CB MSE B 110 -21.43 8.00 -3.77
CG MSE B 110 -20.61 9.23 -4.01
SE MSE B 110 -21.65 10.67 -4.64
CE MSE B 110 -20.68 10.82 -6.32
N ALA B 111 -22.80 5.68 -2.37
CA ALA B 111 -23.73 4.59 -2.40
C ALA B 111 -24.61 4.66 -1.17
N LEU B 112 -23.99 4.85 0.00
CA LEU B 112 -24.73 4.94 1.25
C LEU B 112 -25.81 6.02 1.17
N ALA B 113 -25.51 7.08 0.41
CA ALA B 113 -26.43 8.21 0.25
C ALA B 113 -27.28 8.13 -1.02
N PHE B 114 -27.39 6.93 -1.56
CA PHE B 114 -28.16 6.71 -2.78
C PHE B 114 -29.59 7.24 -2.74
N HIS B 115 -30.19 7.25 -1.55
CA HIS B 115 -31.56 7.70 -1.35
C HIS B 115 -31.62 9.09 -0.73
N MSE B 116 -30.50 9.81 -0.74
CA MSE B 116 -30.42 11.14 -0.18
C MSE B 116 -29.96 12.06 -1.30
O MSE B 116 -29.73 11.59 -2.42
CB MSE B 116 -29.41 11.18 0.98
CG MSE B 116 -29.70 10.20 2.09
SE MSE B 116 -28.19 10.01 3.30
CE MSE B 116 -28.19 11.80 4.02
N ASP B 117 -29.81 13.34 -1.02
CA ASP B 117 -29.37 14.29 -2.02
C ASP B 117 -28.21 15.12 -1.49
N ILE B 118 -27.09 14.45 -1.22
CA ILE B 118 -25.90 15.12 -0.71
C ILE B 118 -24.79 15.04 -1.76
N LYS B 119 -24.12 16.17 -1.98
CA LYS B 119 -23.05 16.23 -2.95
C LYS B 119 -21.72 15.84 -2.31
N VAL B 120 -20.95 15.02 -3.00
CA VAL B 120 -19.67 14.55 -2.47
C VAL B 120 -18.53 14.83 -3.46
N HIS B 121 -17.66 15.74 -3.08
CA HIS B 121 -16.53 16.09 -3.94
C HIS B 121 -15.21 15.43 -3.57
N ALA B 122 -14.47 15.00 -4.57
CA ALA B 122 -13.17 14.38 -4.36
C ALA B 122 -12.12 15.40 -4.71
N CYS B 123 -11.43 15.88 -3.68
CA CYS B 123 -10.39 16.88 -3.85
C CYS B 123 -9.07 16.13 -3.93
N ILE B 124 -8.72 15.71 -5.14
CA ILE B 124 -7.53 14.91 -5.37
C ILE B 124 -6.71 15.39 -6.56
N GLY B 125 -5.62 14.67 -6.83
CA GLY B 125 -4.76 15.02 -7.95
C GLY B 125 -5.47 14.84 -9.28
N GLY B 126 -4.99 15.54 -10.30
CA GLY B 126 -5.60 15.44 -11.62
C GLY B 126 -7.00 16.00 -11.61
N THR B 127 -7.09 17.33 -11.68
CA THR B 127 -8.37 18.00 -11.68
C THR B 127 -8.24 19.50 -11.96
N SER B 128 -8.86 19.93 -13.05
CA SER B 128 -8.84 21.33 -13.44
C SER B 128 -9.44 22.11 -12.27
N PHE B 129 -8.68 23.05 -11.72
CA PHE B 129 -9.19 23.81 -10.59
C PHE B 129 -10.51 24.52 -10.87
N VAL B 130 -10.96 24.49 -12.12
CA VAL B 130 -12.24 25.11 -12.46
C VAL B 130 -13.34 24.17 -11.99
N GLU B 131 -13.09 22.88 -12.15
CA GLU B 131 -14.04 21.85 -11.74
C GLU B 131 -13.84 21.60 -10.25
N ASP B 132 -12.62 21.85 -9.79
CA ASP B 132 -12.30 21.65 -8.38
C ASP B 132 -12.95 22.77 -7.57
N ALA B 133 -12.91 23.98 -8.09
CA ALA B 133 -13.51 25.11 -7.40
C ALA B 133 -15.01 24.90 -7.38
N GLU B 134 -15.57 24.56 -8.53
CA GLU B 134 -17.01 24.34 -8.65
C GLU B 134 -17.52 23.21 -7.74
N GLY B 135 -16.73 22.15 -7.63
CA GLY B 135 -17.12 21.03 -6.78
C GLY B 135 -17.03 21.32 -5.29
N LEU B 136 -16.00 22.08 -4.90
CA LEU B 136 -15.77 22.43 -3.51
C LEU B 136 -16.72 23.52 -3.00
N ARG B 137 -17.44 24.17 -3.91
CA ARG B 137 -18.34 25.26 -3.52
C ARG B 137 -19.65 24.79 -2.92
N ASP B 138 -20.30 23.87 -3.62
CA ASP B 138 -21.59 23.33 -3.21
C ASP B 138 -21.52 22.00 -2.46
N ALA B 139 -20.35 21.37 -2.48
CA ALA B 139 -20.18 20.07 -1.83
C ALA B 139 -20.50 20.07 -0.34
N GLN B 140 -21.13 19.00 0.14
CA GLN B 140 -21.44 18.90 1.55
C GLN B 140 -20.44 18.00 2.28
N ILE B 141 -19.87 17.05 1.54
CA ILE B 141 -18.83 16.17 2.09
C ILE B 141 -17.66 16.21 1.12
N VAL B 142 -16.51 16.61 1.64
CA VAL B 142 -15.32 16.70 0.83
C VAL B 142 -14.37 15.62 1.30
N VAL B 143 -13.76 14.93 0.34
CA VAL B 143 -12.79 13.89 0.63
C VAL B 143 -11.61 14.07 -0.31
N GLY B 144 -10.41 13.93 0.21
CA GLY B 144 -9.26 14.08 -0.65
C GLY B 144 -8.00 13.75 0.07
N THR B 145 -6.87 14.11 -0.52
CA THR B 145 -5.55 13.88 0.06
C THR B 145 -5.09 15.18 0.72
N PRO B 146 -4.35 15.08 1.84
CA PRO B 146 -3.84 16.23 2.60
C PRO B 146 -3.29 17.40 1.79
N GLY B 147 -2.37 17.11 0.89
CA GLY B 147 -1.77 18.14 0.06
C GLY B 147 -2.78 18.94 -0.72
N ARG B 148 -3.57 18.25 -1.54
CA ARG B 148 -4.58 18.90 -2.35
C ARG B 148 -5.58 19.68 -1.51
N VAL B 149 -6.05 19.09 -0.40
CA VAL B 149 -7.01 19.76 0.47
C VAL B 149 -6.44 21.05 1.02
N PHE B 150 -5.24 20.97 1.57
CA PHE B 150 -4.58 22.15 2.13
C PHE B 150 -4.43 23.28 1.10
N ASP B 151 -3.96 22.92 -0.10
CA ASP B 151 -3.77 23.90 -1.17
C ASP B 151 -5.07 24.61 -1.51
N ASN B 152 -6.16 23.87 -1.56
CA ASN B 152 -7.43 24.50 -1.89
C ASN B 152 -7.96 25.36 -0.75
N ILE B 153 -7.63 25.01 0.48
CA ILE B 153 -8.09 25.80 1.61
C ILE B 153 -7.33 27.12 1.62
N GLN B 154 -6.02 27.05 1.40
CA GLN B 154 -5.18 28.24 1.39
C GLN B 154 -5.54 29.17 0.23
N ARG B 155 -5.89 28.60 -0.92
CA ARG B 155 -6.26 29.43 -2.06
C ARG B 155 -7.72 29.85 -2.00
N ARG B 156 -8.36 29.61 -0.87
CA ARG B 156 -9.76 30.00 -0.67
C ARG B 156 -10.78 29.31 -1.58
N ARG B 157 -10.41 28.20 -2.22
CA ARG B 157 -11.34 27.51 -3.12
C ARG B 157 -12.25 26.56 -2.32
N PHE B 158 -11.80 26.23 -1.12
CA PHE B 158 -12.52 25.33 -0.22
C PHE B 158 -12.80 26.09 1.07
N ARG B 159 -14.03 26.55 1.24
CA ARG B 159 -14.43 27.29 2.45
C ARG B 159 -14.76 26.27 3.56
N THR B 160 -14.16 26.46 4.73
CA THR B 160 -14.34 25.52 5.83
C THR B 160 -15.14 25.98 7.04
N ASP B 161 -15.84 27.11 6.94
CA ASP B 161 -16.60 27.60 8.09
C ASP B 161 -17.78 26.74 8.50
N LYS B 162 -18.35 26.00 7.55
CA LYS B 162 -19.49 25.14 7.86
C LYS B 162 -19.04 23.73 8.25
N ILE B 163 -17.75 23.47 8.14
CA ILE B 163 -17.19 22.17 8.49
C ILE B 163 -17.45 21.84 9.95
N LYS B 164 -18.09 20.71 10.23
CA LYS B 164 -18.38 20.30 11.61
C LYS B 164 -17.67 19.00 11.98
N MSE B 165 -17.23 18.24 10.98
CA MSE B 165 -16.57 16.96 11.22
C MSE B 165 -15.32 16.81 10.36
O MSE B 165 -15.30 17.19 9.18
CB MSE B 165 -17.56 15.84 10.94
CG MSE B 165 -17.21 14.48 11.53
SE MSE B 165 -18.57 13.22 10.98
CE MSE B 165 -19.55 13.04 12.63
N PHE B 166 -14.29 16.24 10.96
CA PHE B 166 -13.00 16.02 10.32
C PHE B 166 -12.61 14.56 10.55
N ILE B 167 -12.63 13.78 9.47
CA ILE B 167 -12.30 12.36 9.50
C ILE B 167 -10.90 12.10 8.96
N LEU B 168 -10.07 11.43 9.75
CA LEU B 168 -8.71 11.09 9.35
C LEU B 168 -8.66 9.56 9.17
N ASP B 169 -8.79 9.10 7.94
CA ASP B 169 -8.78 7.66 7.67
C ASP B 169 -7.34 7.20 7.47
N GLU B 170 -7.00 6.05 8.06
CA GLU B 170 -5.66 5.49 8.00
C GLU B 170 -4.61 6.53 8.40
N ALA B 171 -4.83 7.12 9.55
CA ALA B 171 -3.94 8.13 10.10
C ALA B 171 -2.48 7.70 10.08
N ASP B 172 -2.23 6.45 10.47
CA ASP B 172 -0.87 5.92 10.50
C ASP B 172 -0.22 5.98 9.12
N GLU B 173 -0.97 5.54 8.11
CA GLU B 173 -0.47 5.55 6.75
C GLU B 173 -0.26 6.98 6.26
N MSE B 174 -1.20 7.87 6.56
CA MSE B 174 -1.06 9.25 6.14
C MSE B 174 0.18 9.86 6.76
O MSE B 174 0.96 10.53 6.08
CB MSE B 174 -2.27 10.08 6.53
CG MSE B 174 -3.52 9.63 5.82
SE MSE B 174 -4.77 11.07 5.71
CE MSE B 174 -5.38 11.07 7.54
N LEU B 175 0.36 9.63 8.05
CA LEU B 175 1.51 10.17 8.74
C LEU B 175 2.81 9.58 8.16
N SER B 176 2.88 8.25 8.08
CA SER B 176 4.08 7.61 7.57
C SER B 176 4.34 7.92 6.09
N SER B 177 3.36 8.53 5.42
CA SER B 177 3.52 8.91 4.03
C SER B 177 4.02 10.34 3.94
N GLY B 178 4.14 10.99 5.08
CA GLY B 178 4.64 12.36 5.11
C GLY B 178 3.61 13.48 5.04
N PHE B 179 2.42 13.27 5.60
CA PHE B 179 1.38 14.31 5.55
C PHE B 179 1.17 15.04 6.87
N LYS B 180 2.04 14.79 7.84
CA LYS B 180 1.94 15.42 9.16
C LYS B 180 1.80 16.95 9.13
N GLU B 181 2.68 17.66 8.43
CA GLU B 181 2.60 19.11 8.40
C GLU B 181 1.27 19.60 7.88
N GLN B 182 0.89 19.14 6.69
CA GLN B 182 -0.36 19.53 6.06
C GLN B 182 -1.58 19.14 6.90
N ILE B 183 -1.52 17.99 7.56
CA ILE B 183 -2.65 17.60 8.40
C ILE B 183 -2.73 18.57 9.58
N TYR B 184 -1.58 18.86 10.21
CA TYR B 184 -1.52 19.79 11.32
C TYR B 184 -2.03 21.17 10.89
N GLN B 185 -1.63 21.60 9.69
CA GLN B 185 -2.06 22.90 9.19
C GLN B 185 -3.56 22.93 8.87
N ILE B 186 -4.13 21.80 8.48
CA ILE B 186 -5.55 21.76 8.18
C ILE B 186 -6.33 21.98 9.47
N PHE B 187 -5.89 21.36 10.57
CA PHE B 187 -6.55 21.54 11.85
C PHE B 187 -6.71 23.01 12.21
N THR B 188 -5.66 23.80 12.04
CA THR B 188 -5.73 25.22 12.39
C THR B 188 -6.57 26.03 11.42
N LEU B 189 -6.88 25.46 10.27
CA LEU B 189 -7.69 26.15 9.27
C LEU B 189 -9.15 25.74 9.32
N LEU B 190 -9.48 24.87 10.27
CA LEU B 190 -10.85 24.38 10.44
C LEU B 190 -11.40 24.96 11.74
N PRO B 191 -12.73 25.14 11.83
CA PRO B 191 -13.31 25.69 13.05
C PRO B 191 -12.75 24.95 14.26
N PRO B 192 -12.37 25.68 15.31
CA PRO B 192 -11.81 25.08 16.53
C PRO B 192 -12.69 24.03 17.20
N THR B 193 -14.00 24.13 16.99
CA THR B 193 -14.93 23.19 17.58
C THR B 193 -15.16 21.91 16.76
N THR B 194 -14.59 21.85 15.57
CA THR B 194 -14.76 20.69 14.69
C THR B 194 -14.56 19.36 15.40
N GLN B 195 -15.47 18.43 15.16
CA GLN B 195 -15.37 17.10 15.76
C GLN B 195 -14.23 16.39 15.00
N VAL B 196 -13.37 15.71 15.74
CA VAL B 196 -12.25 15.01 15.11
C VAL B 196 -12.44 13.49 15.24
N VAL B 197 -12.41 12.78 14.12
CA VAL B 197 -12.58 11.33 14.13
C VAL B 197 -11.37 10.74 13.44
N LEU B 198 -10.66 9.84 14.14
CA LEU B 198 -9.46 9.22 13.60
C LEU B 198 -9.52 7.69 13.61
N LEU B 199 -9.33 7.11 12.42
CA LEU B 199 -9.35 5.67 12.28
C LEU B 199 -7.94 5.24 11.92
N SER B 200 -7.44 4.20 12.60
CA SER B 200 -6.09 3.73 12.32
C SER B 200 -5.89 2.25 12.70
N ALA B 201 -5.24 1.49 11.83
CA ALA B 201 -4.99 0.08 12.11
C ALA B 201 -3.97 -0.08 13.22
N THR B 202 -2.98 0.81 13.27
CA THR B 202 -1.96 0.77 14.31
C THR B 202 -2.09 2.01 15.17
N MSE B 203 -1.45 1.97 16.33
CA MSE B 203 -1.57 3.07 17.25
C MSE B 203 -0.20 3.59 17.69
O MSE B 203 0.08 3.72 18.87
CB MSE B 203 -2.42 2.57 18.43
CG MSE B 203 -3.45 3.54 19.01
SE MSE B 203 -4.55 4.56 17.78
CE MSE B 203 -5.83 3.27 17.19
N PRO B 204 0.67 3.91 16.72
CA PRO B 204 2.02 4.42 16.98
C PRO B 204 2.05 5.85 17.51
N ASN B 205 3.19 6.22 18.09
CA ASN B 205 3.37 7.55 18.66
C ASN B 205 2.92 8.69 17.78
N ASP B 206 2.99 8.51 16.45
CA ASP B 206 2.57 9.56 15.54
C ASP B 206 1.09 9.88 15.70
N VAL B 207 0.29 8.83 15.79
CA VAL B 207 -1.15 8.98 15.98
C VAL B 207 -1.42 9.46 17.41
N LEU B 208 -0.69 8.89 18.38
CA LEU B 208 -0.87 9.29 19.76
C LEU B 208 -0.63 10.80 19.88
N GLU B 209 0.39 11.30 19.19
CA GLU B 209 0.70 12.72 19.23
C GLU B 209 -0.47 13.56 18.70
N VAL B 210 -1.02 13.18 17.55
CA VAL B 210 -2.16 13.90 16.99
C VAL B 210 -3.32 13.78 17.97
N THR B 211 -3.58 12.55 18.43
CA THR B 211 -4.64 12.28 19.37
C THR B 211 -4.57 13.20 20.57
N THR B 212 -3.38 13.36 21.13
CA THR B 212 -3.22 14.22 22.30
C THR B 212 -3.23 15.71 22.04
N LYS B 213 -2.72 16.15 20.89
CA LYS B 213 -2.68 17.58 20.58
C LYS B 213 -3.96 18.13 20.02
N PHE B 214 -4.68 17.34 19.25
CA PHE B 214 -5.92 17.82 18.64
C PHE B 214 -7.26 17.31 19.14
N MSE B 215 -7.29 16.19 19.85
CA MSE B 215 -8.59 15.69 20.29
C MSE B 215 -8.92 16.08 21.73
O MSE B 215 -8.03 16.32 22.54
CB MSE B 215 -8.67 14.17 20.10
CG MSE B 215 -8.68 13.76 18.63
SE MSE B 215 -8.60 11.83 18.29
CE MSE B 215 -7.03 11.82 17.22
N ARG B 216 -10.21 16.10 22.05
CA ARG B 216 -10.66 16.48 23.38
C ARG B 216 -11.42 15.37 24.12
N ASN B 217 -10.82 14.83 25.17
CA ASN B 217 -11.48 13.80 25.97
C ASN B 217 -12.20 12.87 25.00
N PRO B 218 -11.48 12.30 24.05
CA PRO B 218 -12.04 11.39 23.04
C PRO B 218 -12.43 10.03 23.55
N VAL B 219 -13.44 9.45 22.91
CA VAL B 219 -13.83 8.11 23.27
C VAL B 219 -12.73 7.31 22.55
N ARG B 220 -12.24 6.27 23.20
CA ARG B 220 -11.18 5.47 22.60
C ARG B 220 -11.67 4.05 22.42
N ILE B 221 -11.59 3.54 21.19
CA ILE B 221 -12.00 2.17 20.88
C ILE B 221 -10.74 1.50 20.34
N LEU B 222 -10.06 0.72 21.19
CA LEU B 222 -8.80 0.09 20.82
C LEU B 222 -8.81 -1.44 20.83
N VAL B 223 -7.79 -2.00 20.19
CA VAL B 223 -7.61 -3.44 20.13
C VAL B 223 -6.71 -3.80 21.30
N LYS B 224 -7.14 -4.79 22.09
CA LYS B 224 -6.42 -5.23 23.29
C LYS B 224 -4.94 -5.61 23.14
N LYS B 225 -4.67 -6.69 22.41
CA LYS B 225 -3.29 -7.17 22.23
C LYS B 225 -2.65 -7.48 23.59
N ASP B 226 -1.38 -7.11 23.72
CA ASP B 226 -0.59 -7.31 24.95
C ASP B 226 0.90 -7.19 24.62
N GLU B 227 1.76 -7.37 25.62
CA GLU B 227 3.19 -7.25 25.41
C GLU B 227 4.06 -8.49 25.67
N LEU B 228 5.36 -8.31 25.49
CA LEU B 228 6.37 -9.36 25.69
C LEU B 228 6.40 -9.78 27.15
N THR B 229 7.34 -9.22 27.91
CA THR B 229 7.50 -9.51 29.33
C THR B 229 8.20 -10.83 29.64
N LEU B 230 9.36 -10.72 30.29
CA LEU B 230 10.16 -11.87 30.70
C LEU B 230 10.54 -11.56 32.15
N GLU B 231 9.79 -10.64 32.75
CA GLU B 231 10.02 -10.20 34.13
C GLU B 231 9.21 -10.97 35.17
N GLY B 232 8.08 -11.51 34.75
CA GLY B 232 7.27 -12.29 35.68
C GLY B 232 7.80 -13.71 35.72
N ILE B 233 8.80 -13.98 34.89
CA ILE B 233 9.40 -15.31 34.79
C ILE B 233 10.91 -15.31 35.03
N LYS B 234 11.41 -16.45 35.53
CA LYS B 234 12.84 -16.62 35.80
C LYS B 234 13.47 -17.53 34.75
N GLN B 235 14.50 -17.05 34.08
CA GLN B 235 15.18 -17.83 33.05
C GLN B 235 16.26 -18.73 33.62
N PHE B 236 15.97 -20.03 33.70
CA PHE B 236 16.93 -21.02 34.20
C PHE B 236 17.18 -22.08 33.14
N TYR B 237 18.44 -22.50 33.01
CA TYR B 237 18.81 -23.50 32.02
C TYR B 237 19.54 -24.70 32.63
N VAL B 238 19.67 -25.75 31.82
CA VAL B 238 20.36 -26.97 32.23
C VAL B 238 21.07 -27.55 31.02
N ASN B 239 22.33 -27.93 31.18
CA ASN B 239 23.11 -28.49 30.10
C ASN B 239 23.14 -30.02 30.18
N VAL B 240 22.30 -30.66 29.37
CA VAL B 240 22.23 -32.11 29.34
C VAL B 240 23.38 -32.63 28.49
N GLU B 241 24.03 -31.70 27.78
CA GLU B 241 25.16 -31.97 26.91
C GLU B 241 24.76 -32.67 25.61
N GLU B 242 24.16 -33.85 25.72
CA GLU B 242 23.73 -34.59 24.54
C GLU B 242 22.22 -34.67 24.45
N GLU B 243 21.70 -34.49 23.24
CA GLU B 243 20.26 -34.55 22.98
C GLU B 243 19.63 -35.79 23.60
N GLU B 244 20.44 -36.84 23.75
CA GLU B 244 19.99 -38.11 24.32
C GLU B 244 19.76 -38.07 25.83
N TYR B 245 20.46 -37.18 26.53
CA TYR B 245 20.32 -37.12 27.98
C TYR B 245 19.23 -36.16 28.48
N LYS B 246 18.49 -35.57 27.56
CA LYS B 246 17.43 -34.65 27.93
C LYS B 246 16.28 -35.31 28.67
N TYR B 247 15.79 -36.41 28.11
CA TYR B 247 14.67 -37.13 28.70
C TYR B 247 14.90 -37.53 30.16
N GLU B 248 16.07 -38.06 30.47
CA GLU B 248 16.36 -38.46 31.83
C GLU B 248 16.52 -37.24 32.75
N CYS B 249 17.00 -36.14 32.20
CA CYS B 249 17.16 -34.92 32.98
C CYS B 249 15.79 -34.35 33.32
N LEU B 250 14.83 -34.58 32.43
CA LEU B 250 13.47 -34.10 32.61
C LEU B 250 12.74 -34.99 33.61
N THR B 251 13.11 -36.26 33.64
CA THR B 251 12.49 -37.22 34.54
C THR B 251 12.95 -36.98 35.98
N ASP B 252 14.18 -36.50 36.14
CA ASP B 252 14.72 -36.23 37.46
C ASP B 252 14.15 -34.94 38.02
N LEU B 253 13.73 -34.06 37.13
CA LEU B 253 13.15 -32.77 37.54
C LEU B 253 11.81 -33.00 38.24
N TYR B 254 11.10 -34.05 37.84
CA TYR B 254 9.81 -34.37 38.45
C TYR B 254 9.95 -35.19 39.72
N ASP B 255 10.76 -34.68 40.65
CA ASP B 255 10.99 -35.34 41.93
C ASP B 255 11.13 -34.30 43.04
N SER B 256 11.37 -33.05 42.64
CA SER B 256 11.53 -31.95 43.59
C SER B 256 10.67 -30.75 43.21
N ILE B 257 9.71 -30.97 42.31
CA ILE B 257 8.82 -29.90 41.87
C ILE B 257 7.54 -29.81 42.71
N SER B 258 6.94 -30.96 43.01
CA SER B 258 5.72 -31.02 43.80
C SER B 258 4.56 -30.33 43.07
N VAL B 259 3.91 -31.06 42.16
CA VAL B 259 2.78 -30.55 41.38
C VAL B 259 3.22 -29.42 40.44
N THR B 260 2.64 -28.24 40.64
CA THR B 260 2.96 -27.06 39.83
C THR B 260 2.39 -27.07 38.42
N GLN B 261 2.38 -28.23 37.78
CA GLN B 261 1.89 -28.37 36.40
C GLN B 261 2.79 -27.57 35.46
N ALA B 262 3.29 -28.22 34.43
CA ALA B 262 4.18 -27.55 33.49
C ALA B 262 3.81 -27.79 32.03
N VAL B 263 4.39 -26.99 31.16
CA VAL B 263 4.19 -27.08 29.72
C VAL B 263 5.56 -27.27 29.10
N ILE B 264 5.68 -28.19 28.16
CA ILE B 264 6.97 -28.45 27.54
C ILE B 264 6.89 -28.25 26.02
N PHE B 265 7.78 -27.41 25.49
CA PHE B 265 7.80 -27.13 24.06
C PHE B 265 8.94 -27.81 23.32
N CYS B 266 8.63 -28.30 22.12
CA CYS B 266 9.60 -28.96 21.26
C CYS B 266 9.58 -28.26 19.90
N ASN B 267 10.66 -28.43 19.13
CA ASN B 267 10.76 -27.80 17.81
C ASN B 267 10.06 -28.58 16.72
N THR B 268 9.92 -29.89 16.91
CA THR B 268 9.26 -30.75 15.91
C THR B 268 8.08 -31.52 16.51
N ARG B 269 7.16 -31.93 15.65
CA ARG B 269 5.99 -32.68 16.10
C ARG B 269 6.33 -34.09 16.57
N ARG B 270 7.28 -34.72 15.89
CA ARG B 270 7.71 -36.07 16.23
C ARG B 270 8.22 -36.11 17.66
N LYS B 271 9.07 -35.15 18.01
CA LYS B 271 9.65 -35.05 19.33
C LYS B 271 8.56 -34.98 20.40
N VAL B 272 7.49 -34.26 20.07
CA VAL B 272 6.36 -34.11 20.99
C VAL B 272 5.72 -35.46 21.26
N GLU B 273 5.71 -36.33 20.26
CA GLU B 273 5.11 -37.66 20.40
C GLU B 273 6.03 -38.65 21.11
N GLU B 274 7.29 -38.68 20.71
CA GLU B 274 8.27 -39.56 21.34
C GLU B 274 8.24 -39.30 22.83
N LEU B 275 8.37 -38.03 23.17
CA LEU B 275 8.36 -37.59 24.56
C LEU B 275 7.06 -38.01 25.24
N THR B 276 5.93 -37.80 24.54
CA THR B 276 4.63 -38.16 25.07
C THR B 276 4.57 -39.67 25.30
N THR B 277 5.05 -40.41 24.30
CA THR B 277 5.07 -41.88 24.36
C THR B 277 5.91 -42.36 25.53
N LYS B 278 7.20 -42.03 25.49
CA LYS B 278 8.13 -42.43 26.55
C LYS B 278 7.57 -42.09 27.94
N LEU B 279 6.95 -40.92 28.06
CA LEU B 279 6.37 -40.48 29.33
C LEU B 279 5.15 -41.31 29.73
N ARG B 280 4.30 -41.64 28.77
CA ARG B 280 3.11 -42.43 29.05
C ARG B 280 3.46 -43.89 29.33
N ASN B 281 4.58 -44.35 28.79
CA ASN B 281 5.02 -45.71 29.01
C ASN B 281 5.50 -45.86 30.45
N ASP B 282 5.42 -44.77 31.20
CA ASP B 282 5.84 -44.73 32.60
C ASP B 282 4.69 -44.16 33.45
N LYS B 283 3.47 -44.28 32.94
CA LYS B 283 2.26 -43.80 33.60
C LYS B 283 2.07 -42.29 33.60
N PHE B 284 3.13 -41.54 33.34
CA PHE B 284 3.05 -40.07 33.30
C PHE B 284 1.88 -39.62 32.42
N THR B 285 0.79 -39.19 33.04
CA THR B 285 -0.39 -38.74 32.30
C THR B 285 -0.12 -37.37 31.65
N VAL B 286 0.32 -37.42 30.39
CA VAL B 286 0.63 -36.20 29.65
C VAL B 286 -0.37 -35.91 28.54
N SER B 287 -0.68 -34.62 28.38
CA SER B 287 -1.62 -34.17 27.34
C SER B 287 -0.81 -33.66 26.16
N ALA B 288 -0.95 -34.29 25.01
CA ALA B 288 -0.23 -33.88 23.81
C ALA B 288 -1.14 -33.20 22.81
N ILE B 289 -0.65 -32.11 22.22
CA ILE B 289 -1.42 -31.36 21.24
C ILE B 289 -0.55 -30.96 20.05
N TYR B 290 -1.08 -31.19 18.85
CA TYR B 290 -0.36 -30.88 17.61
C TYR B 290 -1.16 -29.87 16.79
N SER B 291 -0.46 -29.16 15.90
CA SER B 291 -1.11 -28.18 15.05
C SER B 291 -1.85 -28.84 13.89
N ASP B 292 -2.84 -29.67 14.21
CA ASP B 292 -3.62 -30.35 13.19
C ASP B 292 -4.90 -30.98 13.75
N LEU B 293 -4.93 -31.26 15.05
CA LEU B 293 -6.11 -31.85 15.67
C LEU B 293 -7.31 -30.97 15.32
N PRO B 294 -8.46 -31.59 15.00
CA PRO B 294 -9.64 -30.78 14.66
C PRO B 294 -9.97 -29.80 15.79
N GLN B 295 -10.73 -28.76 15.46
CA GLN B 295 -11.12 -27.75 16.44
C GLN B 295 -11.75 -28.38 17.68
N GLN B 296 -12.61 -29.38 17.46
CA GLN B 296 -13.31 -30.07 18.54
C GLN B 296 -12.41 -30.92 19.45
N GLU B 297 -11.26 -31.34 18.93
CA GLU B 297 -10.34 -32.17 19.70
C GLU B 297 -9.27 -31.38 20.47
N ARG B 298 -8.90 -30.23 19.94
CA ARG B 298 -7.89 -29.39 20.57
C ARG B 298 -8.37 -28.83 21.91
N ASP B 299 -9.60 -28.30 21.93
CA ASP B 299 -10.17 -27.74 23.14
C ASP B 299 -10.54 -28.83 24.15
N THR B 300 -10.59 -30.08 23.67
CA THR B 300 -10.92 -31.20 24.53
C THR B 300 -9.71 -31.57 25.38
N ILE B 301 -8.52 -31.48 24.78
CA ILE B 301 -7.27 -31.78 25.48
C ILE B 301 -6.96 -30.67 26.48
N MSE B 302 -7.30 -29.44 26.11
CA MSE B 302 -7.06 -28.29 26.97
C MSE B 302 -7.96 -28.32 28.20
O MSE B 302 -7.55 -27.95 29.29
CB MSE B 302 -7.31 -27.00 26.18
CG MSE B 302 -6.30 -26.76 25.07
SE MSE B 302 -4.49 -26.88 25.72
CE MSE B 302 -4.34 -25.14 26.55
N LYS B 303 -9.20 -28.78 28.01
CA LYS B 303 -10.16 -28.87 29.10
C LYS B 303 -9.67 -29.97 30.07
N GLU B 304 -8.99 -30.97 29.50
CA GLU B 304 -8.47 -32.08 30.30
C GLU B 304 -7.25 -31.65 31.10
N PHE B 305 -6.51 -30.67 30.55
CA PHE B 305 -5.32 -30.16 31.21
C PHE B 305 -5.70 -29.13 32.27
N ARG B 306 -6.54 -28.18 31.89
CA ARG B 306 -7.00 -27.13 32.79
C ARG B 306 -8.09 -27.65 33.72
N SER B 307 -8.00 -28.94 34.05
CA SER B 307 -8.97 -29.57 34.93
C SER B 307 -8.52 -30.98 35.30
N GLY B 308 -8.85 -31.95 34.45
CA GLY B 308 -8.49 -33.34 34.69
C GLY B 308 -7.03 -33.61 34.95
N SER B 309 -6.61 -33.50 36.21
CA SER B 309 -5.24 -33.75 36.63
C SER B 309 -4.23 -33.26 35.59
N SER B 310 -3.62 -34.20 34.87
CA SER B 310 -2.63 -33.92 33.83
C SER B 310 -1.76 -32.71 34.17
N ARG B 311 -0.62 -32.97 34.82
CA ARG B 311 0.30 -31.90 35.19
C ARG B 311 1.17 -31.45 34.01
N ILE B 312 1.38 -32.35 33.06
CA ILE B 312 2.21 -32.04 31.90
C ILE B 312 1.40 -31.79 30.63
N LEU B 313 1.84 -30.81 29.84
CA LEU B 313 1.20 -30.47 28.58
C LEU B 313 2.29 -30.25 27.54
N ILE B 314 2.40 -31.18 26.59
CA ILE B 314 3.42 -31.08 25.56
C ILE B 314 2.83 -30.63 24.22
N SER B 315 3.51 -29.67 23.59
CA SER B 315 3.06 -29.13 22.31
C SER B 315 4.24 -28.59 21.50
N THR B 316 3.98 -28.34 20.22
CA THR B 316 5.01 -27.83 19.32
C THR B 316 5.15 -26.31 19.45
N ASP B 317 6.18 -25.78 18.79
CA ASP B 317 6.45 -24.34 18.84
C ASP B 317 5.43 -23.54 18.04
N LEU B 318 4.79 -24.18 17.05
CA LEU B 318 3.82 -23.49 16.20
C LEU B 318 2.54 -23.10 16.93
N LEU B 319 2.24 -23.76 18.05
CA LEU B 319 1.03 -23.44 18.81
C LEU B 319 1.30 -22.46 19.95
N ALA B 320 2.58 -22.15 20.18
CA ALA B 320 2.99 -21.24 21.25
C ALA B 320 2.17 -19.95 21.31
N ARG B 321 1.85 -19.39 20.15
CA ARG B 321 1.08 -18.16 20.07
C ARG B 321 -0.38 -18.37 20.50
N GLY B 322 -0.96 -19.48 20.05
CA GLY B 322 -2.34 -19.77 20.39
C GLY B 322 -2.52 -20.47 21.73
N ILE B 323 -1.44 -21.01 22.27
CA ILE B 323 -1.48 -21.70 23.55
C ILE B 323 -1.57 -20.71 24.70
N ASP B 324 -2.70 -20.72 25.40
CA ASP B 324 -2.93 -19.83 26.53
C ASP B 324 -2.35 -20.42 27.81
N VAL B 325 -1.04 -20.23 28.01
CA VAL B 325 -0.36 -20.74 29.20
C VAL B 325 -1.19 -20.46 30.44
N GLN B 326 -2.03 -21.43 30.81
CA GLN B 326 -2.91 -21.32 31.95
C GLN B 326 -2.15 -21.14 33.27
N GLN B 327 -2.73 -21.62 34.35
CA GLN B 327 -2.11 -21.53 35.67
C GLN B 327 -0.85 -22.38 35.75
N VAL B 328 0.13 -22.04 34.92
CA VAL B 328 1.39 -22.76 34.88
C VAL B 328 2.48 -21.96 35.57
N SER B 329 3.11 -22.57 36.57
CA SER B 329 4.18 -21.92 37.30
C SER B 329 5.51 -22.40 36.74
N LEU B 330 5.43 -23.35 35.80
CA LEU B 330 6.63 -23.91 35.18
C LEU B 330 6.46 -24.24 33.70
N VAL B 331 7.41 -23.78 32.90
CA VAL B 331 7.42 -24.03 31.46
C VAL B 331 8.80 -24.56 31.08
N ILE B 332 8.82 -25.73 30.46
CA ILE B 332 10.08 -26.35 30.06
C ILE B 332 10.33 -26.30 28.56
N ASN B 333 11.57 -26.01 28.18
CA ASN B 333 11.94 -25.96 26.78
C ASN B 333 12.85 -27.15 26.48
N TYR B 334 12.23 -28.27 26.13
CA TYR B 334 12.95 -29.50 25.80
C TYR B 334 13.93 -29.17 24.68
N ASP B 335 13.43 -28.44 23.68
CA ASP B 335 14.24 -28.02 22.53
C ASP B 335 14.32 -26.49 22.53
N LEU B 336 15.53 -25.96 22.50
CA LEU B 336 15.72 -24.52 22.49
C LEU B 336 15.10 -23.99 21.19
N PRO B 337 14.16 -23.03 21.29
CA PRO B 337 13.49 -22.45 20.12
C PRO B 337 14.42 -22.25 18.93
N ALA B 338 13.90 -22.50 17.74
CA ALA B 338 14.68 -22.34 16.51
C ALA B 338 14.85 -20.86 16.17
N ASN B 339 13.75 -20.12 16.25
CA ASN B 339 13.74 -18.69 15.95
C ASN B 339 13.65 -17.87 17.25
N LYS B 340 14.69 -17.07 17.51
CA LYS B 340 14.76 -16.24 18.70
C LYS B 340 13.43 -15.58 19.06
N GLU B 341 12.75 -15.05 18.04
CA GLU B 341 11.47 -14.36 18.21
C GLU B 341 10.41 -15.17 18.94
N ASN B 342 10.41 -16.50 18.74
CA ASN B 342 9.41 -17.35 19.39
C ASN B 342 9.71 -17.74 20.83
N TYR B 343 10.79 -17.21 21.38
CA TYR B 343 11.16 -17.50 22.76
C TYR B 343 10.10 -16.96 23.71
N ILE B 344 9.76 -15.69 23.55
CA ILE B 344 8.76 -15.05 24.41
C ILE B 344 7.35 -15.60 24.19
N HIS B 345 7.04 -16.01 22.98
CA HIS B 345 5.72 -16.56 22.69
C HIS B 345 5.51 -17.80 23.54
N ARG B 346 6.61 -18.41 23.95
CA ARG B 346 6.59 -19.61 24.78
C ARG B 346 6.60 -19.26 26.26
N ILE B 347 7.31 -18.19 26.61
CA ILE B 347 7.37 -17.75 28.00
C ILE B 347 7.19 -16.23 28.07
N GLY B 348 6.00 -15.77 27.73
CA GLY B 348 5.72 -14.34 27.76
C GLY B 348 4.96 -13.91 29.00
N ARG B 349 3.66 -14.18 29.02
CA ARG B 349 2.80 -13.81 30.14
C ARG B 349 2.56 -12.31 30.18
N GLY B 350 1.33 -11.90 29.85
CA GLY B 350 1.00 -10.49 29.84
C GLY B 350 0.21 -10.07 31.08
N GLY B 351 0.89 -10.03 32.22
CA GLY B 351 0.24 -9.65 33.46
C GLY B 351 0.75 -10.45 34.65
N LYS B 356 4.13 -14.72 39.40
CA LYS B 356 4.84 -16.00 39.39
C LYS B 356 5.21 -16.41 37.96
N GLY B 357 6.27 -17.19 37.83
CA GLY B 357 6.70 -17.62 36.52
C GLY B 357 8.12 -18.19 36.48
N VAL B 358 8.24 -19.44 36.06
CA VAL B 358 9.53 -20.10 35.96
C VAL B 358 9.67 -20.78 34.59
N ALA B 359 10.81 -20.57 33.95
CA ALA B 359 11.06 -21.16 32.63
C ALA B 359 12.40 -21.88 32.66
N ILE B 360 12.39 -23.17 32.32
CA ILE B 360 13.60 -23.97 32.32
C ILE B 360 13.99 -24.41 30.90
N ASN B 361 15.25 -24.19 30.54
CA ASN B 361 15.76 -24.54 29.22
C ASN B 361 16.71 -25.74 29.22
N PHE B 362 16.51 -26.65 28.26
CA PHE B 362 17.34 -27.85 28.11
C PHE B 362 18.27 -27.70 26.91
N VAL B 363 19.49 -27.22 27.15
CA VAL B 363 20.45 -27.04 26.07
C VAL B 363 21.52 -28.13 26.06
N THR B 364 22.02 -28.44 24.87
CA THR B 364 23.05 -29.47 24.70
C THR B 364 24.39 -28.81 24.43
N ASN B 365 25.38 -29.62 24.06
CA ASN B 365 26.71 -29.13 23.77
C ASN B 365 26.76 -28.54 22.35
N GLU B 366 25.62 -28.02 21.92
CA GLU B 366 25.51 -27.40 20.59
C GLU B 366 24.63 -26.16 20.68
N ASP B 367 23.62 -26.22 21.56
CA ASP B 367 22.71 -25.11 21.75
C ASP B 367 23.45 -23.95 22.43
N VAL B 368 24.78 -24.11 22.55
CA VAL B 368 25.63 -23.10 23.16
C VAL B 368 25.73 -21.90 22.24
N GLY B 369 25.76 -20.70 22.82
CA GLY B 369 25.83 -19.50 22.02
C GLY B 369 24.51 -19.24 21.35
N ALA B 370 23.68 -20.28 21.26
CA ALA B 370 22.36 -20.18 20.66
C ALA B 370 21.41 -19.63 21.70
N MSE B 371 21.67 -19.94 22.96
CA MSE B 371 20.84 -19.46 24.06
C MSE B 371 21.30 -18.05 24.43
O MSE B 371 20.58 -17.30 25.08
CB MSE B 371 20.98 -20.38 25.28
CG MSE B 371 20.09 -19.98 26.43
SE MSE B 371 20.50 -20.90 28.07
CE MSE B 371 21.91 -19.74 28.70
N ARG B 372 22.52 -17.71 24.00
CA ARG B 372 23.06 -16.39 24.27
C ARG B 372 22.42 -15.40 23.32
N GLU B 373 21.96 -15.89 22.17
CA GLU B 373 21.31 -15.07 21.17
C GLU B 373 19.94 -14.64 21.71
N LEU B 374 19.41 -15.46 22.62
CA LEU B 374 18.12 -15.17 23.25
C LEU B 374 18.33 -14.16 24.36
N GLU B 375 19.59 -13.84 24.60
CA GLU B 375 19.96 -12.88 25.63
C GLU B 375 20.48 -11.62 24.94
N LYS B 376 20.74 -11.74 23.64
CA LYS B 376 21.20 -10.61 22.82
C LYS B 376 19.96 -10.04 22.15
N PHE B 377 19.08 -10.94 21.72
CA PHE B 377 17.84 -10.55 21.05
C PHE B 377 16.97 -9.89 22.11
N TYR B 378 17.33 -10.13 23.37
CA TYR B 378 16.63 -9.55 24.51
C TYR B 378 17.70 -8.94 25.42
N SER B 379 17.40 -8.86 26.72
CA SER B 379 18.36 -8.32 27.68
C SER B 379 18.10 -8.91 29.06
N THR B 380 17.59 -10.15 29.08
CA THR B 380 17.29 -10.84 30.32
C THR B 380 18.40 -11.85 30.65
N GLN B 381 18.52 -12.18 31.93
CA GLN B 381 19.53 -13.12 32.39
C GLN B 381 19.00 -14.55 32.56
N ILE B 382 19.66 -15.50 31.90
CA ILE B 382 19.27 -16.91 31.98
C ILE B 382 20.31 -17.67 32.81
N GLU B 383 20.15 -17.59 34.13
CA GLU B 383 21.05 -18.25 35.07
C GLU B 383 21.01 -19.76 34.90
N GLU B 384 21.82 -20.47 35.70
CA GLU B 384 21.87 -21.92 35.67
C GLU B 384 20.93 -22.47 36.72
N LEU B 385 20.39 -23.66 36.49
CA LEU B 385 19.47 -24.26 37.45
C LEU B 385 20.21 -24.98 38.58
N PRO B 386 20.09 -24.44 39.81
CA PRO B 386 20.76 -25.03 40.98
C PRO B 386 20.12 -26.38 41.35
N SER B 387 20.90 -27.23 42.00
CA SER B 387 20.41 -28.56 42.40
C SER B 387 19.13 -28.42 43.23
N ASP B 388 19.01 -27.30 43.94
CA ASP B 388 17.84 -27.05 44.78
C ASP B 388 16.70 -26.54 43.88
N ILE B 389 15.71 -27.40 43.65
CA ILE B 389 14.58 -27.04 42.79
C ILE B 389 13.29 -26.81 43.59
N ALA B 390 13.10 -27.57 44.66
CA ALA B 390 11.90 -27.45 45.49
C ALA B 390 11.64 -25.99 45.88
N THR B 391 12.65 -25.16 45.76
CA THR B 391 12.55 -23.74 46.10
C THR B 391 12.08 -22.91 44.91
N LEU B 392 12.79 -23.05 43.79
CA LEU B 392 12.48 -22.29 42.58
C LEU B 392 11.01 -22.35 42.15
N LEU B 393 10.24 -23.26 42.74
CA LEU B 393 8.83 -23.40 42.38
C LEU B 393 7.85 -23.13 43.52
N ASN B 394 8.21 -22.23 44.42
CA ASN B 394 7.35 -21.86 45.55
C ASN B 394 6.99 -23.05 46.46
#